data_5KMM
#
_entry.id   5KMM
#
_cell.length_a   52.060
_cell.length_b   52.060
_cell.length_c   226.030
_cell.angle_alpha   90.000
_cell.angle_beta   90.000
_cell.angle_gamma   120.000
#
_symmetry.space_group_name_H-M   'P 31 1 2'
#
loop_
_entity.id
_entity.type
_entity.pdbx_description
1 polymer 'High affinity nerve growth factor receptor'
2 non-polymer 1-(2-methyl-4-phenyl-pyrimidin-5-yl)-3-naphthalen-1-yl-urea
3 water water
#
_entity_poly.entity_id   1
_entity_poly.type   'polypeptide(L)'
_entity_poly.pdbx_seq_one_letter_code
;SSLSPTEGKGSGLQGHIIENPQYFSDACVHHIKRRDIVLKWELGEGAFGKVFLAECHNLLPEQDKMLVAVKALKEASESA
RQDFQREAELLTMLQHQHIVRFFGVCTEGRPLLMVFEYMRHGDLNRFLRSHGPDAKLLAGGEDVAPGPLGLGQLLAVASQ
VAAGMVYLAGLHFVHRDLATRNCLVGQGLVVKIGDFGMSRDIYSTDYYRVGGRTMLPIRWMPPESILYRKFTTESDVWSF
GVVLWEIFTYGKQPWYQLSNTEAIDCITQGRELERPRACPPEVYAIMRGCWQREPQQRHSIKDVHARLQALAQAPPVYLD
VLGHHHHHH
;
_entity_poly.pdbx_strand_id   A
#
# COMPACT_ATOMS: atom_id res chain seq x y z
N SER A 11 1.87 -3.86 -13.08
CA SER A 11 0.96 -4.94 -12.72
C SER A 11 1.24 -5.56 -11.31
N GLY A 12 2.25 -5.00 -10.62
CA GLY A 12 2.68 -5.38 -9.27
C GLY A 12 3.54 -6.62 -9.17
N LEU A 13 2.87 -7.75 -8.86
CA LEU A 13 3.52 -9.05 -8.75
C LEU A 13 3.95 -9.55 -10.12
N GLN A 14 3.09 -9.36 -11.14
CA GLN A 14 3.30 -9.76 -12.54
C GLN A 14 4.59 -9.22 -13.17
N GLY A 15 4.96 -7.99 -12.82
CA GLY A 15 6.16 -7.30 -13.28
C GLY A 15 7.45 -7.98 -12.83
N HIS A 16 7.49 -8.40 -11.55
CA HIS A 16 8.64 -9.08 -10.93
C HIS A 16 8.87 -10.48 -11.53
N ILE A 17 7.78 -11.17 -11.94
CA ILE A 17 7.82 -12.51 -12.55
C ILE A 17 8.38 -12.41 -13.99
N ILE A 18 7.79 -11.50 -14.83
CA ILE A 18 8.17 -11.26 -16.22
C ILE A 18 9.57 -10.64 -16.37
N ALA A 27 8.41 -24.87 -5.84
CA ALA A 27 7.12 -24.20 -5.67
C ALA A 27 6.40 -24.70 -4.40
N CYS A 28 6.78 -24.13 -3.25
CA CYS A 28 6.20 -24.54 -1.96
C CYS A 28 4.92 -23.73 -1.58
N VAL A 29 4.00 -23.57 -2.57
CA VAL A 29 2.71 -22.90 -2.43
C VAL A 29 1.78 -23.78 -1.59
N HIS A 30 1.23 -23.22 -0.51
CA HIS A 30 0.30 -23.94 0.36
C HIS A 30 -1.09 -23.96 -0.29
N HIS A 31 -1.83 -25.09 -0.14
CA HIS A 31 -3.17 -25.27 -0.70
C HIS A 31 -4.18 -25.43 0.40
N ILE A 32 -5.42 -24.98 0.14
CA ILE A 32 -6.53 -25.07 1.08
C ILE A 32 -7.68 -25.77 0.35
N LYS A 33 -8.38 -26.68 1.05
CA LYS A 33 -9.54 -27.40 0.47
C LYS A 33 -10.76 -26.48 0.42
N ARG A 34 -11.61 -26.58 -0.64
CA ARG A 34 -12.81 -25.74 -0.78
C ARG A 34 -13.77 -25.85 0.41
N ARG A 35 -13.87 -27.04 1.04
CA ARG A 35 -14.76 -27.25 2.20
C ARG A 35 -14.36 -26.42 3.41
N ASP A 36 -13.05 -26.15 3.53
CA ASP A 36 -12.43 -25.37 4.59
C ASP A 36 -12.61 -23.83 4.44
N ILE A 37 -13.03 -23.34 3.26
CA ILE A 37 -13.27 -21.91 2.96
C ILE A 37 -14.77 -21.70 2.81
N VAL A 38 -15.36 -20.91 3.69
CA VAL A 38 -16.78 -20.62 3.61
C VAL A 38 -16.96 -19.12 3.32
N LEU A 39 -17.40 -18.77 2.10
CA LEU A 39 -17.66 -17.41 1.64
C LEU A 39 -18.81 -16.82 2.46
N LYS A 40 -18.59 -15.65 3.07
CA LYS A 40 -19.62 -15.00 3.89
C LYS A 40 -20.32 -13.94 3.04
N TRP A 41 -19.55 -12.96 2.55
CA TRP A 41 -20.08 -11.89 1.72
C TRP A 41 -18.95 -11.19 1.00
N GLU A 42 -19.30 -10.46 -0.03
CA GLU A 42 -18.36 -9.72 -0.84
C GLU A 42 -17.88 -8.47 -0.07
N LEU A 43 -16.60 -8.10 -0.25
CA LEU A 43 -15.99 -6.91 0.35
C LEU A 43 -15.87 -5.84 -0.77
N GLY A 44 -15.57 -6.30 -2.00
CA GLY A 44 -15.44 -5.50 -3.23
C GLY A 44 -15.39 -6.29 -4.55
N GLU A 45 -15.50 -5.56 -5.70
CA GLU A 45 -15.47 -6.12 -7.07
C GLU A 45 -14.82 -5.20 -8.10
N GLY A 46 -13.97 -5.80 -8.94
CA GLY A 46 -13.24 -5.12 -10.00
C GLY A 46 -13.24 -5.80 -11.36
N ALA A 47 -12.27 -5.39 -12.23
CA ALA A 47 -12.08 -5.90 -13.59
C ALA A 47 -11.38 -7.27 -13.66
N PHE A 48 -10.42 -7.52 -12.73
CA PHE A 48 -9.66 -8.78 -12.66
C PHE A 48 -10.26 -9.82 -11.70
N GLY A 49 -11.38 -9.46 -11.04
CA GLY A 49 -12.10 -10.31 -10.10
C GLY A 49 -12.71 -9.62 -8.89
N LYS A 50 -13.20 -10.43 -7.93
CA LYS A 50 -13.83 -9.94 -6.70
C LYS A 50 -13.19 -10.48 -5.43
N VAL A 51 -13.54 -9.82 -4.31
CA VAL A 51 -13.03 -10.10 -2.99
C VAL A 51 -14.16 -10.36 -2.04
N PHE A 52 -14.00 -11.40 -1.22
CA PHE A 52 -14.99 -11.82 -0.24
C PHE A 52 -14.35 -11.99 1.11
N LEU A 53 -15.18 -11.85 2.13
CA LEU A 53 -14.85 -12.16 3.50
C LEU A 53 -15.30 -13.63 3.57
N ALA A 54 -14.43 -14.49 4.11
CA ALA A 54 -14.68 -15.92 4.24
C ALA A 54 -14.22 -16.36 5.61
N GLU A 55 -14.75 -17.50 6.04
CA GLU A 55 -14.39 -18.15 7.29
C GLU A 55 -13.51 -19.34 6.83
N CYS A 56 -12.29 -19.45 7.38
CA CYS A 56 -11.36 -20.51 7.01
C CYS A 56 -11.07 -21.49 8.17
N HIS A 57 -11.30 -22.78 7.92
CA HIS A 57 -11.14 -23.85 8.90
C HIS A 57 -9.84 -24.63 8.77
N ASN A 58 -9.23 -24.98 9.93
CA ASN A 58 -7.97 -25.74 10.09
C ASN A 58 -6.77 -25.08 9.39
N LEU A 59 -6.79 -23.74 9.32
CA LEU A 59 -5.76 -22.92 8.69
C LEU A 59 -4.61 -22.63 9.66
N LEU A 60 -4.94 -22.13 10.86
CA LEU A 60 -3.98 -21.79 11.91
C LEU A 60 -4.38 -22.39 13.27
N PRO A 61 -3.44 -23.09 13.96
CA PRO A 61 -3.76 -23.69 15.27
C PRO A 61 -4.15 -22.71 16.38
N GLU A 62 -4.77 -23.24 17.47
CA GLU A 62 -5.26 -22.49 18.65
C GLU A 62 -6.43 -21.54 18.30
N GLN A 63 -6.87 -21.58 17.04
CA GLN A 63 -7.96 -20.75 16.50
C GLN A 63 -9.12 -21.60 15.98
N ASP A 64 -8.81 -22.71 15.23
CA ASP A 64 -9.76 -23.66 14.61
C ASP A 64 -10.52 -23.06 13.42
N LYS A 65 -11.09 -21.84 13.62
CA LYS A 65 -11.82 -21.03 12.66
C LYS A 65 -11.29 -19.59 12.73
N MET A 66 -11.13 -18.93 11.57
CA MET A 66 -10.62 -17.56 11.47
C MET A 66 -11.11 -16.88 10.21
N LEU A 67 -11.17 -15.55 10.22
CA LEU A 67 -11.60 -14.78 9.06
C LEU A 67 -10.45 -14.50 8.14
N VAL A 68 -10.73 -14.49 6.83
CA VAL A 68 -9.74 -14.21 5.77
C VAL A 68 -10.38 -13.39 4.67
N ALA A 69 -9.56 -12.80 3.80
CA ALA A 69 -10.01 -12.05 2.64
C ALA A 69 -9.61 -12.95 1.49
N VAL A 70 -10.57 -13.24 0.62
CA VAL A 70 -10.41 -14.17 -0.48
C VAL A 70 -10.54 -13.45 -1.83
N LYS A 71 -9.52 -13.60 -2.64
CA LYS A 71 -9.48 -13.00 -3.98
C LYS A 71 -9.89 -14.11 -4.95
N ALA A 72 -10.97 -13.88 -5.68
CA ALA A 72 -11.48 -14.88 -6.63
C ALA A 72 -11.11 -14.46 -8.03
N LEU A 73 -10.39 -15.35 -8.73
CA LEU A 73 -9.93 -15.14 -10.10
C LEU A 73 -11.14 -15.13 -11.04
N LYS A 74 -11.31 -14.01 -11.76
CA LYS A 74 -12.37 -13.79 -12.74
C LYS A 74 -11.98 -14.51 -14.02
N GLU A 78 -7.58 -18.34 -19.40
CA GLU A 78 -6.65 -19.07 -20.28
C GLU A 78 -5.21 -19.01 -19.75
N SER A 79 -4.55 -17.84 -19.90
CA SER A 79 -3.19 -17.55 -19.43
C SER A 79 -3.31 -17.07 -17.97
N ALA A 80 -4.55 -16.65 -17.59
CA ALA A 80 -4.97 -16.18 -16.27
C ALA A 80 -4.60 -17.21 -15.20
N ARG A 81 -4.79 -18.51 -15.52
CA ARG A 81 -4.46 -19.64 -14.63
C ARG A 81 -2.96 -19.77 -14.42
N GLN A 82 -2.16 -19.50 -15.48
CA GLN A 82 -0.69 -19.56 -15.42
C GLN A 82 -0.18 -18.36 -14.60
N ASP A 83 -0.72 -17.16 -14.91
CA ASP A 83 -0.43 -15.89 -14.24
C ASP A 83 -0.72 -16.04 -12.72
N PHE A 84 -1.86 -16.69 -12.38
CA PHE A 84 -2.36 -16.99 -11.05
C PHE A 84 -1.30 -17.78 -10.26
N GLN A 85 -0.77 -18.89 -10.86
CA GLN A 85 0.24 -19.74 -10.22
C GLN A 85 1.55 -19.02 -10.00
N ARG A 86 1.96 -18.20 -10.98
CA ARG A 86 3.18 -17.39 -10.89
C ARG A 86 3.00 -16.34 -9.78
N GLU A 87 1.79 -15.74 -9.70
CA GLU A 87 1.44 -14.74 -8.67
C GLU A 87 1.49 -15.42 -7.31
N ALA A 88 0.84 -16.59 -7.18
CA ALA A 88 0.84 -17.39 -5.96
C ALA A 88 2.25 -17.79 -5.53
N GLU A 89 3.09 -18.29 -6.47
CA GLU A 89 4.49 -18.66 -6.14
C GLU A 89 5.27 -17.46 -5.60
N LEU A 90 5.11 -16.28 -6.25
CA LEU A 90 5.76 -15.04 -5.81
C LEU A 90 5.21 -14.56 -4.44
N LEU A 91 3.90 -14.74 -4.19
CA LEU A 91 3.28 -14.35 -2.91
C LEU A 91 3.70 -15.28 -1.77
N THR A 92 4.05 -16.52 -2.10
CA THR A 92 4.53 -17.51 -1.14
C THR A 92 5.97 -17.13 -0.69
N MET A 93 6.76 -16.50 -1.58
CA MET A 93 8.12 -16.04 -1.26
C MET A 93 8.03 -14.79 -0.37
N LEU A 94 7.19 -13.83 -0.80
CA LEU A 94 6.99 -12.55 -0.13
C LEU A 94 6.24 -12.67 1.18
N GLN A 95 6.98 -12.97 2.24
CA GLN A 95 6.47 -13.09 3.60
C GLN A 95 7.31 -12.21 4.53
N HIS A 96 6.67 -11.18 5.11
CA HIS A 96 7.26 -10.19 6.03
C HIS A 96 6.13 -9.64 6.91
N GLN A 97 6.48 -9.14 8.10
CA GLN A 97 5.51 -8.58 9.06
C GLN A 97 4.78 -7.28 8.59
N HIS A 98 5.25 -6.66 7.48
CA HIS A 98 4.65 -5.43 6.95
C HIS A 98 4.25 -5.56 5.49
N ILE A 99 3.95 -6.81 5.10
CA ILE A 99 3.47 -7.26 3.81
C ILE A 99 2.23 -8.08 4.17
N VAL A 100 1.04 -7.77 3.58
CA VAL A 100 -0.20 -8.54 3.89
C VAL A 100 0.08 -10.06 3.74
N ARG A 101 -0.28 -10.82 4.75
CA ARG A 101 -0.04 -12.26 4.77
C ARG A 101 -0.89 -13.04 3.76
N PHE A 102 -0.20 -13.85 2.97
CA PHE A 102 -0.76 -14.77 1.98
C PHE A 102 -0.72 -16.17 2.62
N PHE A 103 -1.89 -16.85 2.68
CA PHE A 103 -2.02 -18.17 3.28
C PHE A 103 -1.86 -19.31 2.28
N GLY A 104 -2.32 -19.08 1.07
CA GLY A 104 -2.27 -20.06 -0.02
C GLY A 104 -3.38 -19.90 -1.04
N VAL A 105 -3.66 -20.98 -1.77
CA VAL A 105 -4.69 -20.98 -2.81
C VAL A 105 -5.69 -22.13 -2.65
N CYS A 106 -6.83 -22.01 -3.33
CA CYS A 106 -7.83 -23.07 -3.46
C CYS A 106 -7.98 -23.30 -4.96
N THR A 107 -7.50 -24.47 -5.44
CA THR A 107 -7.55 -24.82 -6.85
C THR A 107 -8.61 -25.92 -7.17
N GLU A 108 -9.24 -26.57 -6.16
CA GLU A 108 -10.25 -27.59 -6.46
C GLU A 108 -11.57 -26.93 -6.83
N GLY A 109 -11.87 -27.01 -8.12
CA GLY A 109 -13.07 -26.42 -8.69
C GLY A 109 -12.84 -24.97 -8.97
N ARG A 110 -13.92 -24.25 -9.28
CA ARG A 110 -13.84 -22.82 -9.59
C ARG A 110 -14.75 -22.01 -8.65
N PRO A 111 -14.49 -20.70 -8.40
CA PRO A 111 -13.38 -19.89 -8.95
C PRO A 111 -12.07 -20.17 -8.24
N LEU A 112 -10.91 -19.98 -8.92
CA LEU A 112 -9.62 -20.18 -8.24
C LEU A 112 -9.53 -19.05 -7.18
N LEU A 113 -9.03 -19.37 -5.98
CA LEU A 113 -8.96 -18.36 -4.90
C LEU A 113 -7.59 -18.21 -4.30
N MET A 114 -7.24 -16.97 -3.96
CA MET A 114 -6.03 -16.59 -3.26
C MET A 114 -6.49 -16.19 -1.87
N VAL A 115 -5.91 -16.78 -0.85
CA VAL A 115 -6.35 -16.55 0.53
C VAL A 115 -5.36 -15.66 1.27
N PHE A 116 -5.88 -14.54 1.82
CA PHE A 116 -5.06 -13.57 2.55
C PHE A 116 -5.64 -13.31 3.92
N GLU A 117 -4.86 -12.63 4.78
CA GLU A 117 -5.37 -12.27 6.10
C GLU A 117 -6.38 -11.16 5.90
N TYR A 118 -7.34 -11.07 6.79
CA TYR A 118 -8.33 -10.05 6.76
C TYR A 118 -7.78 -8.89 7.63
N MET A 119 -7.79 -7.68 7.08
CA MET A 119 -7.30 -6.44 7.70
C MET A 119 -8.54 -5.59 7.96
N ARG A 120 -9.07 -5.67 9.20
CA ARG A 120 -10.29 -5.06 9.75
C ARG A 120 -10.56 -3.60 9.33
N HIS A 121 -9.52 -2.74 9.33
CA HIS A 121 -9.69 -1.31 8.99
C HIS A 121 -9.65 -0.99 7.48
N GLY A 122 -9.52 -2.01 6.62
CA GLY A 122 -9.44 -1.81 5.18
C GLY A 122 -8.17 -1.14 4.68
N ASP A 123 -8.23 -0.49 3.51
CA ASP A 123 -7.04 0.12 2.95
C ASP A 123 -6.61 1.39 3.75
N LEU A 124 -5.32 1.70 3.71
CA LEU A 124 -4.76 2.84 4.43
C LEU A 124 -5.36 4.18 4.00
N ASN A 125 -5.70 4.37 2.70
CA ASN A 125 -6.31 5.65 2.34
C ASN A 125 -7.60 5.87 3.08
N ARG A 126 -8.50 4.86 3.07
CA ARG A 126 -9.82 4.89 3.69
C ARG A 126 -9.66 5.13 5.20
N PHE A 127 -8.69 4.46 5.83
CA PHE A 127 -8.44 4.61 7.24
C PHE A 127 -7.98 6.06 7.58
N LEU A 128 -7.08 6.61 6.75
CA LEU A 128 -6.56 7.99 6.97
C LEU A 128 -7.65 9.03 6.85
N ARG A 129 -8.48 8.95 5.80
CA ARG A 129 -9.58 9.88 5.54
C ARG A 129 -10.65 9.87 6.66
N SER A 130 -10.87 8.70 7.29
CA SER A 130 -11.87 8.53 8.34
C SER A 130 -11.35 8.99 9.73
N HIS A 131 -10.07 9.34 9.82
CA HIS A 131 -9.43 9.85 11.04
C HIS A 131 -8.74 11.17 10.74
N GLY A 132 -9.32 11.90 9.79
CA GLY A 132 -8.88 13.20 9.31
C GLY A 132 -9.90 14.30 9.63
N PRO A 133 -9.50 15.58 9.55
CA PRO A 133 -10.43 16.68 9.87
C PRO A 133 -11.69 16.78 8.99
N ASP A 134 -11.79 15.99 7.91
CA ASP A 134 -12.95 16.00 7.02
C ASP A 134 -13.90 14.79 7.24
N ALA A 135 -13.60 13.95 8.25
CA ALA A 135 -14.41 12.77 8.59
C ALA A 135 -15.78 13.14 9.18
N LYS A 136 -16.82 12.31 8.92
CA LYS A 136 -18.21 12.46 9.39
C LYS A 136 -18.29 12.59 10.91
N LEU A 137 -17.67 11.63 11.66
CA LEU A 137 -17.56 11.55 13.13
C LEU A 137 -16.85 10.27 13.56
N GLY A 140 -16.32 5.26 17.44
CA GLY A 140 -15.92 5.11 18.83
C GLY A 140 -14.44 5.31 19.07
N GLY A 141 -13.67 4.25 18.79
CA GLY A 141 -12.22 4.25 18.94
C GLY A 141 -11.67 3.14 19.83
N GLU A 142 -11.49 1.94 19.26
CA GLU A 142 -10.93 0.79 19.96
C GLU A 142 -9.40 0.84 19.84
N ASP A 143 -8.93 1.15 18.62
CA ASP A 143 -7.51 1.23 18.25
C ASP A 143 -6.94 2.64 18.25
N VAL A 144 -7.80 3.66 18.14
CA VAL A 144 -7.30 5.03 18.12
C VAL A 144 -8.30 6.01 18.78
N ALA A 145 -7.76 7.10 19.33
CA ALA A 145 -8.47 8.15 20.03
C ALA A 145 -9.46 8.97 19.16
N PRO A 146 -10.40 9.73 19.79
CA PRO A 146 -11.32 10.56 18.98
C PRO A 146 -10.56 11.72 18.33
N GLY A 147 -11.05 12.16 17.18
CA GLY A 147 -10.43 13.23 16.40
C GLY A 147 -9.23 12.77 15.59
N PRO A 148 -8.61 13.69 14.81
CA PRO A 148 -7.46 13.31 13.98
C PRO A 148 -6.32 12.55 14.66
N LEU A 149 -5.63 11.73 13.85
CA LEU A 149 -4.48 10.91 14.29
C LEU A 149 -3.40 11.87 14.70
N GLY A 150 -2.80 11.60 15.85
CA GLY A 150 -1.72 12.42 16.37
C GLY A 150 -0.46 12.21 15.57
N LEU A 151 0.56 13.04 15.82
CA LEU A 151 1.85 12.98 15.16
C LEU A 151 2.49 11.60 15.32
N GLY A 152 2.38 11.06 16.52
CA GLY A 152 2.94 9.76 16.85
C GLY A 152 2.20 8.64 16.13
N GLN A 153 0.89 8.83 15.87
CA GLN A 153 0.04 7.87 15.17
C GLN A 153 0.39 7.89 13.69
N LEU A 154 0.59 9.11 13.12
CA LEU A 154 0.96 9.25 11.72
C LEU A 154 2.33 8.69 11.44
N LEU A 155 3.27 8.84 12.38
CA LEU A 155 4.65 8.34 12.21
C LEU A 155 4.79 6.85 12.26
N ALA A 156 4.02 6.17 13.15
CA ALA A 156 4.08 4.70 13.28
C ALA A 156 3.55 4.05 11.97
N VAL A 157 2.54 4.67 11.33
CA VAL A 157 1.92 4.26 10.06
C VAL A 157 3.00 4.30 8.99
N ALA A 158 3.66 5.47 8.84
CA ALA A 158 4.76 5.73 7.89
C ALA A 158 5.90 4.73 7.99
N SER A 159 6.30 4.40 9.23
CA SER A 159 7.39 3.50 9.58
C SER A 159 7.16 2.08 9.11
N GLN A 160 5.94 1.58 9.34
CA GLN A 160 5.52 0.25 8.92
C GLN A 160 5.55 0.08 7.40
N VAL A 161 5.09 1.12 6.65
CA VAL A 161 5.08 1.11 5.17
C VAL A 161 6.53 1.08 4.67
N ALA A 162 7.38 1.97 5.24
CA ALA A 162 8.82 2.08 4.92
C ALA A 162 9.52 0.72 5.09
N ALA A 163 9.21 0.02 6.21
CA ALA A 163 9.73 -1.31 6.58
C ALA A 163 9.38 -2.36 5.53
N GLY A 164 8.15 -2.32 5.00
CA GLY A 164 7.69 -3.23 3.95
C GLY A 164 8.44 -2.99 2.66
N MET A 165 8.71 -1.69 2.36
CA MET A 165 9.44 -1.27 1.16
C MET A 165 10.92 -1.64 1.28
N VAL A 166 11.45 -1.73 2.53
CA VAL A 166 12.83 -2.13 2.82
C VAL A 166 12.99 -3.58 2.40
N TYR A 167 12.06 -4.45 2.86
CA TYR A 167 12.01 -5.89 2.52
C TYR A 167 11.92 -6.11 1.01
N LEU A 168 11.04 -5.35 0.31
CA LEU A 168 10.86 -5.44 -1.14
C LEU A 168 12.12 -5.03 -1.91
N ALA A 169 12.77 -3.91 -1.48
CA ALA A 169 14.00 -3.41 -2.09
C ALA A 169 15.11 -4.43 -1.83
N GLY A 170 15.05 -5.07 -0.66
CA GLY A 170 15.96 -6.11 -0.22
C GLY A 170 15.91 -7.33 -1.11
N LEU A 171 14.70 -7.63 -1.67
CA LEU A 171 14.44 -8.76 -2.57
C LEU A 171 14.43 -8.29 -4.01
N HIS A 172 14.82 -7.01 -4.20
CA HIS A 172 15.01 -6.29 -5.47
C HIS A 172 13.71 -6.22 -6.32
N PHE A 173 12.56 -6.17 -5.59
CA PHE A 173 11.20 -6.08 -6.09
C PHE A 173 10.82 -4.61 -6.34
N VAL A 174 10.29 -4.34 -7.51
CA VAL A 174 9.83 -3.00 -7.90
C VAL A 174 8.29 -3.06 -7.84
N HIS A 175 7.72 -2.34 -6.86
CA HIS A 175 6.27 -2.30 -6.64
C HIS A 175 5.52 -1.75 -7.83
N ARG A 176 5.86 -0.51 -8.25
CA ARG A 176 5.25 0.25 -9.34
C ARG A 176 3.91 0.91 -8.98
N ASP A 177 3.26 0.56 -7.85
CA ASP A 177 1.99 1.23 -7.54
C ASP A 177 1.84 1.50 -6.05
N LEU A 178 2.93 1.95 -5.42
CA LEU A 178 2.93 2.27 -4.01
C LEU A 178 2.11 3.54 -3.77
N ALA A 179 1.10 3.43 -2.90
CA ALA A 179 0.15 4.48 -2.57
C ALA A 179 -0.58 3.95 -1.38
N THR A 180 -1.20 4.83 -0.59
CA THR A 180 -1.89 4.41 0.63
C THR A 180 -3.09 3.47 0.30
N ARG A 181 -3.66 3.58 -0.91
CA ARG A 181 -4.77 2.70 -1.36
C ARG A 181 -4.27 1.24 -1.47
N ASN A 182 -2.96 1.06 -1.65
CA ASN A 182 -2.27 -0.20 -1.83
C ASN A 182 -1.52 -0.68 -0.57
N CYS A 183 -2.04 -0.24 0.59
CA CYS A 183 -1.62 -0.61 1.94
C CYS A 183 -2.90 -0.96 2.67
N LEU A 184 -2.80 -1.84 3.66
CA LEU A 184 -3.93 -2.27 4.48
C LEU A 184 -3.64 -2.06 5.96
N VAL A 185 -4.71 -1.89 6.74
CA VAL A 185 -4.67 -1.64 8.18
C VAL A 185 -5.49 -2.69 8.93
N GLY A 186 -4.87 -3.35 9.88
CA GLY A 186 -5.52 -4.37 10.68
C GLY A 186 -5.67 -3.96 12.14
N GLN A 187 -6.17 -4.89 12.98
CA GLN A 187 -6.38 -4.71 14.42
C GLN A 187 -5.07 -4.24 15.06
N GLY A 188 -5.14 -3.30 16.00
CA GLY A 188 -3.97 -2.78 16.70
C GLY A 188 -3.12 -1.85 15.86
N LEU A 189 -3.74 -1.27 14.82
CA LEU A 189 -3.16 -0.34 13.84
C LEU A 189 -1.88 -0.88 13.21
N VAL A 190 -1.90 -2.15 12.80
CA VAL A 190 -0.78 -2.78 12.11
C VAL A 190 -0.97 -2.41 10.63
N VAL A 191 0.08 -1.85 9.99
CA VAL A 191 0.04 -1.41 8.60
C VAL A 191 0.94 -2.29 7.77
N LYS A 192 0.40 -2.78 6.65
CA LYS A 192 1.11 -3.67 5.74
C LYS A 192 0.84 -3.27 4.30
N ILE A 193 1.82 -3.48 3.43
CA ILE A 193 1.70 -3.23 2.01
C ILE A 193 0.92 -4.41 1.43
N GLY A 194 -0.03 -4.08 0.57
CA GLY A 194 -0.86 -5.09 -0.08
C GLY A 194 -2.18 -4.56 -0.58
N ASP A 195 -2.72 -5.25 -1.57
CA ASP A 195 -3.99 -4.93 -2.20
C ASP A 195 -4.48 -6.19 -2.92
N PHE A 196 -5.75 -6.18 -3.29
CA PHE A 196 -6.38 -7.30 -3.96
C PHE A 196 -6.65 -7.03 -5.45
N GLY A 197 -5.84 -6.16 -6.05
CA GLY A 197 -5.89 -5.82 -7.47
C GLY A 197 -7.07 -5.00 -7.95
N MET A 198 -7.79 -4.37 -7.04
CA MET A 198 -8.98 -3.58 -7.38
C MET A 198 -8.83 -2.04 -7.37
N SER A 199 -7.62 -1.54 -7.09
CA SER A 199 -7.36 -0.08 -6.99
C SER A 199 -7.73 0.73 -8.22
N ARG A 200 -7.47 0.20 -9.41
CA ARG A 200 -7.78 0.90 -10.65
C ARG A 200 -9.30 1.03 -10.90
N ASP A 201 -10.09 0.23 -10.19
CA ASP A 201 -11.55 0.24 -10.25
C ASP A 201 -12.11 1.10 -9.10
N ILE A 202 -11.58 0.92 -7.89
CA ILE A 202 -12.06 1.66 -6.70
C ILE A 202 -11.52 3.09 -6.66
N TYR A 203 -10.30 3.31 -7.14
CA TYR A 203 -9.65 4.64 -7.09
C TYR A 203 -9.21 5.04 -8.49
N SER A 204 -10.14 4.96 -9.46
CA SER A 204 -9.86 5.24 -10.86
C SER A 204 -9.32 6.65 -11.11
N THR A 205 -9.71 7.65 -10.31
CA THR A 205 -9.22 9.03 -10.45
C THR A 205 -7.75 9.18 -10.00
N ASP A 206 -7.17 8.10 -9.38
CA ASP A 206 -5.76 8.08 -8.97
C ASP A 206 -4.88 7.60 -10.11
N TYR A 207 -5.50 7.35 -11.28
CA TYR A 207 -4.83 6.88 -12.50
C TYR A 207 -5.19 7.74 -13.68
N TYR A 208 -4.24 7.84 -14.62
CA TYR A 208 -4.38 8.55 -15.87
C TYR A 208 -4.41 7.47 -16.95
N ARG A 209 -5.54 7.41 -17.67
CA ARG A 209 -5.77 6.43 -18.73
C ARG A 209 -5.11 6.93 -20.02
N VAL A 210 -4.10 6.19 -20.45
CA VAL A 210 -3.29 6.46 -21.64
C VAL A 210 -4.03 6.04 -22.92
N GLY A 211 -4.43 4.76 -23.00
CA GLY A 211 -5.13 4.23 -24.16
C GLY A 211 -5.55 2.79 -24.04
N GLY A 212 -6.87 2.59 -23.97
CA GLY A 212 -7.49 1.28 -23.86
C GLY A 212 -7.61 0.82 -22.43
N ARG A 213 -6.66 -0.03 -21.98
CA ARG A 213 -6.65 -0.56 -20.61
C ARG A 213 -5.57 0.04 -19.71
N THR A 214 -4.47 0.57 -20.28
CA THR A 214 -3.31 1.15 -19.58
C THR A 214 -3.68 2.41 -18.75
N MET A 215 -3.49 2.29 -17.43
CA MET A 215 -3.80 3.32 -16.44
C MET A 215 -2.57 3.54 -15.55
N LEU A 216 -2.02 4.77 -15.57
CA LEU A 216 -0.80 5.12 -14.82
C LEU A 216 -1.04 5.95 -13.53
N PRO A 217 -0.43 5.58 -12.38
CA PRO A 217 -0.61 6.41 -11.17
C PRO A 217 0.40 7.60 -11.23
N ILE A 218 0.21 8.49 -12.19
CA ILE A 218 1.10 9.64 -12.49
C ILE A 218 1.39 10.54 -11.27
N ARG A 219 0.41 10.75 -10.34
CA ARG A 219 0.61 11.59 -9.15
C ARG A 219 1.64 11.00 -8.18
N TRP A 220 1.90 9.69 -8.30
CA TRP A 220 2.86 8.98 -7.47
C TRP A 220 4.19 8.69 -8.14
N MET A 221 4.32 9.06 -9.41
CA MET A 221 5.51 8.78 -10.21
C MET A 221 6.55 9.91 -10.27
N PRO A 222 7.84 9.51 -10.26
CA PRO A 222 8.94 10.48 -10.40
C PRO A 222 9.07 10.97 -11.86
N PRO A 223 9.87 12.03 -12.15
CA PRO A 223 10.01 12.50 -13.54
C PRO A 223 10.56 11.45 -14.50
N GLU A 224 11.48 10.55 -14.05
CA GLU A 224 12.04 9.55 -14.95
C GLU A 224 11.02 8.48 -15.39
N SER A 225 9.97 8.24 -14.59
CA SER A 225 8.93 7.24 -14.92
C SER A 225 7.91 7.86 -15.86
N ILE A 226 7.64 9.16 -15.71
CA ILE A 226 6.71 9.86 -16.58
C ILE A 226 7.40 10.13 -17.95
N LEU A 227 8.59 10.74 -17.90
CA LEU A 227 9.40 11.10 -19.08
C LEU A 227 10.05 9.94 -19.80
N TYR A 228 10.84 9.10 -19.10
CA TYR A 228 11.61 8.01 -19.72
C TYR A 228 11.01 6.63 -19.57
N ARG A 229 9.89 6.51 -18.81
CA ARG A 229 9.15 5.27 -18.58
C ARG A 229 10.02 4.20 -17.88
N LYS A 230 10.97 4.67 -17.04
CA LYS A 230 11.86 3.82 -16.25
C LYS A 230 11.26 3.60 -14.86
N PHE A 231 11.23 2.35 -14.37
CA PHE A 231 10.71 1.96 -13.04
C PHE A 231 11.77 1.14 -12.32
N THR A 232 12.28 1.68 -11.21
CA THR A 232 13.33 1.08 -10.39
C THR A 232 12.97 1.09 -8.89
N THR A 233 13.92 0.67 -8.06
CA THR A 233 13.86 0.64 -6.59
C THR A 233 13.75 2.10 -6.12
N GLU A 234 14.39 3.02 -6.89
CA GLU A 234 14.52 4.48 -6.71
C GLU A 234 13.22 5.21 -7.09
N SER A 235 12.46 4.68 -8.05
CA SER A 235 11.19 5.32 -8.41
C SER A 235 10.18 4.99 -7.28
N ASP A 236 10.36 3.82 -6.59
CA ASP A 236 9.54 3.37 -5.45
C ASP A 236 9.78 4.27 -4.24
N VAL A 237 11.06 4.72 -4.03
CA VAL A 237 11.45 5.64 -2.96
C VAL A 237 10.71 6.98 -3.16
N TRP A 238 10.61 7.46 -4.41
CA TRP A 238 9.90 8.71 -4.73
C TRP A 238 8.42 8.55 -4.33
N SER A 239 7.81 7.37 -4.67
CA SER A 239 6.39 7.04 -4.38
C SER A 239 6.18 6.98 -2.89
N PHE A 240 7.16 6.42 -2.15
CA PHE A 240 7.10 6.39 -0.68
C PHE A 240 7.05 7.85 -0.18
N GLY A 241 7.83 8.74 -0.80
CA GLY A 241 7.82 10.16 -0.46
C GLY A 241 6.41 10.72 -0.59
N VAL A 242 5.69 10.31 -1.66
CA VAL A 242 4.32 10.75 -1.91
C VAL A 242 3.35 10.08 -0.87
N VAL A 243 3.59 8.81 -0.53
CA VAL A 243 2.81 8.07 0.49
C VAL A 243 2.97 8.80 1.87
N LEU A 244 4.18 9.31 2.15
CA LEU A 244 4.49 10.05 3.36
C LEU A 244 3.64 11.30 3.40
N TRP A 245 3.48 11.97 2.24
CA TRP A 245 2.67 13.16 2.04
C TRP A 245 1.21 12.82 2.25
N GLU A 246 0.73 11.66 1.69
CA GLU A 246 -0.67 11.25 1.87
C GLU A 246 -0.97 11.01 3.35
N ILE A 247 -0.03 10.36 4.09
CA ILE A 247 -0.14 10.08 5.53
C ILE A 247 -0.34 11.38 6.30
N PHE A 248 0.55 12.34 6.10
CA PHE A 248 0.48 13.63 6.79
C PHE A 248 -0.61 14.56 6.23
N THR A 249 -1.34 14.17 5.15
CA THR A 249 -2.46 15.00 4.65
C THR A 249 -3.78 14.25 4.88
N TYR A 250 -3.74 13.14 5.67
CA TYR A 250 -4.90 12.27 5.98
C TYR A 250 -5.57 11.66 4.71
N GLY A 251 -4.75 11.17 3.80
CA GLY A 251 -5.24 10.52 2.57
C GLY A 251 -5.64 11.38 1.40
N LYS A 252 -5.37 12.71 1.45
CA LYS A 252 -5.73 13.58 0.31
C LYS A 252 -4.91 13.18 -0.93
N GLN A 253 -5.52 13.32 -2.11
CA GLN A 253 -4.82 12.98 -3.33
C GLN A 253 -3.70 14.00 -3.61
N PRO A 254 -2.47 13.55 -3.93
CA PRO A 254 -1.40 14.50 -4.27
C PRO A 254 -1.78 15.26 -5.55
N TRP A 255 -1.47 16.58 -5.58
CA TRP A 255 -1.79 17.49 -6.68
C TRP A 255 -3.30 17.51 -6.99
N TYR A 256 -4.18 17.29 -5.97
CA TYR A 256 -5.64 17.27 -6.12
C TYR A 256 -6.19 18.48 -6.85
N GLN A 257 -5.53 19.65 -6.68
CA GLN A 257 -5.95 20.89 -7.34
C GLN A 257 -5.68 20.90 -8.86
N LEU A 258 -4.91 19.91 -9.36
CA LEU A 258 -4.52 19.80 -10.78
C LEU A 258 -5.19 18.70 -11.57
N SER A 259 -5.28 18.93 -12.88
CA SER A 259 -5.76 17.92 -13.79
C SER A 259 -4.58 16.94 -14.02
N ASN A 260 -4.83 15.86 -14.74
CA ASN A 260 -3.79 14.88 -15.03
C ASN A 260 -2.63 15.47 -15.87
N THR A 261 -2.95 16.26 -16.89
CA THR A 261 -1.93 16.90 -17.75
C THR A 261 -1.19 18.00 -16.96
N GLU A 262 -1.92 18.74 -16.08
CA GLU A 262 -1.31 19.79 -15.25
C GLU A 262 -0.36 19.13 -14.26
N ALA A 263 -0.74 17.98 -13.68
CA ALA A 263 0.11 17.22 -12.73
C ALA A 263 1.38 16.70 -13.40
N ILE A 264 1.27 16.18 -14.63
CA ILE A 264 2.43 15.71 -15.41
C ILE A 264 3.36 16.93 -15.61
N ASP A 265 2.80 18.08 -16.05
CA ASP A 265 3.59 19.31 -16.23
C ASP A 265 4.40 19.68 -14.97
N CYS A 266 3.73 19.79 -13.80
CA CYS A 266 4.38 20.10 -12.54
C CYS A 266 5.45 19.11 -12.18
N ILE A 267 5.18 17.81 -12.32
CA ILE A 267 6.18 16.79 -11.96
C ILE A 267 7.42 16.86 -12.87
N THR A 268 7.20 16.98 -14.17
CA THR A 268 8.31 17.03 -15.14
C THR A 268 9.13 18.33 -15.03
N GLN A 269 8.51 19.44 -14.61
CA GLN A 269 9.17 20.74 -14.45
C GLN A 269 9.94 20.89 -13.10
N GLY A 270 9.98 19.81 -12.31
CA GLY A 270 10.70 19.76 -11.03
C GLY A 270 9.97 20.21 -9.77
N ARG A 271 8.68 20.63 -9.88
CA ARG A 271 7.85 21.10 -8.76
C ARG A 271 7.69 20.02 -7.68
N GLU A 272 7.67 20.46 -6.40
CA GLU A 272 7.53 19.61 -5.22
C GLU A 272 6.24 19.92 -4.49
N LEU A 273 5.58 18.87 -3.95
CA LEU A 273 4.34 19.02 -3.20
C LEU A 273 4.65 19.87 -1.94
N GLU A 274 3.73 20.76 -1.54
CA GLU A 274 3.91 21.61 -0.37
C GLU A 274 3.95 20.79 0.91
N ARG A 275 4.54 21.38 1.97
CA ARG A 275 4.63 20.72 3.26
C ARG A 275 3.25 20.70 3.86
N PRO A 276 2.71 19.49 4.13
CA PRO A 276 1.39 19.40 4.78
C PRO A 276 1.42 20.14 6.14
N ARG A 277 0.26 20.64 6.57
CA ARG A 277 0.06 21.32 7.85
C ARG A 277 0.55 20.50 9.06
N ALA A 278 0.12 19.21 9.13
CA ALA A 278 0.47 18.30 10.24
C ALA A 278 1.90 17.76 10.16
N CYS A 279 2.61 18.09 9.07
CA CYS A 279 3.97 17.62 8.87
C CYS A 279 5.09 18.51 9.50
N PRO A 280 5.87 17.98 10.48
CA PRO A 280 6.96 18.79 11.03
C PRO A 280 8.16 18.84 10.07
N PRO A 281 8.91 19.98 10.03
CA PRO A 281 10.04 20.11 9.09
C PRO A 281 10.97 18.91 8.96
N GLU A 282 11.19 18.18 10.08
CA GLU A 282 12.05 16.99 10.11
C GLU A 282 11.49 15.85 9.24
N VAL A 283 10.15 15.69 9.23
CA VAL A 283 9.46 14.66 8.43
C VAL A 283 9.52 15.07 6.94
N TYR A 284 9.31 16.37 6.66
CA TYR A 284 9.37 16.97 5.33
C TYR A 284 10.76 16.82 4.68
N ALA A 285 11.82 16.69 5.51
CA ALA A 285 13.19 16.49 5.05
C ALA A 285 13.37 15.06 4.52
N ILE A 286 12.57 14.12 5.07
CA ILE A 286 12.55 12.72 4.62
C ILE A 286 11.88 12.74 3.22
N MET A 287 10.74 13.45 3.09
CA MET A 287 9.97 13.60 1.83
C MET A 287 10.86 14.15 0.74
N ARG A 288 11.45 15.36 0.97
CA ARG A 288 12.36 16.03 0.03
C ARG A 288 13.50 15.14 -0.45
N GLY A 289 14.07 14.35 0.46
CA GLY A 289 15.13 13.38 0.17
C GLY A 289 14.69 12.25 -0.74
N CYS A 290 13.36 11.91 -0.73
CA CYS A 290 12.77 10.87 -1.60
C CYS A 290 12.54 11.50 -2.99
N TRP A 291 12.28 12.83 -3.02
CA TRP A 291 11.96 13.62 -4.19
C TRP A 291 13.16 14.28 -4.93
N GLN A 292 14.36 13.69 -4.84
CA GLN A 292 15.55 14.21 -5.54
C GLN A 292 15.37 13.87 -7.02
N ARG A 293 15.47 14.87 -7.94
CA ARG A 293 15.32 14.67 -9.39
C ARG A 293 16.21 13.51 -9.89
N GLU A 294 17.46 13.44 -9.38
CA GLU A 294 18.41 12.41 -9.75
C GLU A 294 18.17 11.15 -8.91
N PRO A 295 17.74 10.01 -9.53
CA PRO A 295 17.47 8.79 -8.75
C PRO A 295 18.59 8.26 -7.85
N GLN A 296 19.85 8.57 -8.20
CA GLN A 296 21.05 8.17 -7.47
C GLN A 296 21.18 8.99 -6.17
N GLN A 297 20.77 10.27 -6.22
CA GLN A 297 20.75 11.27 -5.15
C GLN A 297 19.68 10.96 -4.08
N ARG A 298 18.67 10.13 -4.42
CA ARG A 298 17.58 9.78 -3.51
C ARG A 298 18.12 8.97 -2.35
N HIS A 299 17.64 9.29 -1.12
CA HIS A 299 18.04 8.57 0.09
C HIS A 299 17.43 7.18 0.01
N SER A 300 18.21 6.14 0.38
CA SER A 300 17.79 4.75 0.35
C SER A 300 16.61 4.53 1.29
N ILE A 301 15.79 3.48 1.01
CA ILE A 301 14.62 3.17 1.83
C ILE A 301 15.06 2.57 3.18
N LYS A 302 16.23 1.89 3.22
CA LYS A 302 16.82 1.30 4.45
C LYS A 302 17.07 2.43 5.46
N ASP A 303 17.47 3.62 4.95
CA ASP A 303 17.76 4.84 5.73
C ASP A 303 16.49 5.64 6.04
N VAL A 304 15.55 5.74 5.07
CA VAL A 304 14.26 6.44 5.25
C VAL A 304 13.47 5.74 6.40
N HIS A 305 13.53 4.40 6.46
CA HIS A 305 12.87 3.61 7.50
C HIS A 305 13.55 3.82 8.85
N ALA A 306 14.90 3.71 8.86
CA ALA A 306 15.72 3.89 10.06
C ALA A 306 15.46 5.28 10.65
N ARG A 307 15.27 6.28 9.77
CA ARG A 307 14.96 7.65 10.16
C ARG A 307 13.56 7.81 10.74
N LEU A 308 12.54 7.11 10.15
CA LEU A 308 11.16 7.20 10.61
C LEU A 308 10.89 6.40 11.88
N GLN A 309 11.48 5.18 12.00
CA GLN A 309 11.32 4.30 13.17
C GLN A 309 11.78 5.07 14.41
N ALA A 310 13.02 5.60 14.35
CA ALA A 310 13.66 6.43 15.38
C ALA A 310 12.73 7.55 15.82
N LEU A 311 12.12 8.25 14.85
CA LEU A 311 11.18 9.33 15.10
C LEU A 311 9.89 8.81 15.78
N ALA A 312 9.33 7.68 15.26
CA ALA A 312 8.10 7.06 15.78
C ALA A 312 8.19 6.60 17.23
N GLN A 313 9.28 5.92 17.61
CA GLN A 313 9.41 5.43 18.98
C GLN A 313 10.10 6.45 19.95
N ALA A 314 10.47 7.65 19.44
CA ALA A 314 11.07 8.74 20.23
C ALA A 314 10.13 9.14 21.37
N PRO A 315 10.67 9.54 22.56
CA PRO A 315 9.79 9.91 23.69
C PRO A 315 8.79 11.02 23.40
N PRO A 316 7.59 11.02 24.03
CA PRO A 316 6.61 12.09 23.78
C PRO A 316 7.08 13.51 24.08
N VAL A 317 8.07 13.67 24.99
CA VAL A 317 8.63 14.98 25.35
C VAL A 317 9.31 15.54 24.09
N TYR A 318 10.12 14.72 23.40
CA TYR A 318 10.81 15.09 22.16
C TYR A 318 9.83 15.32 21.00
N LEU A 319 8.79 14.45 20.91
CA LEU A 319 7.75 14.45 19.88
C LEU A 319 6.80 15.63 19.95
N ASP A 320 6.42 16.07 21.17
CA ASP A 320 5.52 17.22 21.39
C ASP A 320 6.21 18.51 20.97
N VAL A 321 7.56 18.52 21.06
CA VAL A 321 8.39 19.66 20.68
C VAL A 321 8.43 19.76 19.16
N LEU A 322 8.53 18.61 18.47
CA LEU A 322 8.55 18.53 17.00
C LEU A 322 7.30 19.13 16.37
N GLY A 323 6.14 18.85 16.97
CA GLY A 323 4.84 19.36 16.53
C GLY A 323 4.48 20.66 17.23
N HIS A 324 4.78 21.81 16.57
CA HIS A 324 4.51 23.16 17.08
C HIS A 324 3.06 23.64 16.91
#